data_9DPZ
#
_entry.id   9DPZ
#
_cell.length_a   147.339
_cell.length_b   60.421
_cell.length_c   113.160
_cell.angle_alpha   90.000
_cell.angle_beta   123.357
_cell.angle_gamma   90.000
#
_symmetry.space_group_name_H-M   'C 1 2 1'
#
loop_
_entity.id
_entity.type
_entity.pdbx_description
1 polymer 'Protein-arginine deiminase type-4'
2 non-polymer (2S)-2-amino-2-{1-[7-(4-bromophenyl)-5,6-dimethyl-7H-pyrrolo[2,3-d]pyrimidin-4-yl]piperidin-4-yl}-1-(pyrrolidin-1-yl)ethan-1-one
3 non-polymer [(3S,4R)-3-amino-4-hydroxypiperidin-1-yl]{2-[1-(cyclopropylmethyl)-1H-pyrrolo[2,3-b]pyridin-2-yl]-7-methoxy-1-methyl-1H-benzimidazol-5-yl}methanone
4 water water
#
_entity_poly.entity_id   1
_entity_poly.type   'polypeptide(L)'
_entity_poly.pdbx_seq_one_letter_code
;GPLGSPEFMAQGTLIRVTPEQPTHAVCVLGTLTQLDICSSAPEDCTSFSINASPGVVVDIAHSPPAKKKSTGSSTWPLDP
GVEVTLTMKAASGSTGDQKVQISYYGPKTPPVKALLYLTAVEISLCADITRTGKVKPTRAVKDQRTWTWGPCGQGAILLV
NCDRDNLESSAMDCEDDEVLDSEDLQDMSLMTLSTKTPKDFFTNHTLVLHVARSEMDKVRVFQATRGKLSSKCSVVLGPK
WPSHYLMVPGGKHNMDFYVEALAFPDTDFPGLITLTISLLDTSNLELPEAVVFQDSVVFRVAPWIMTPNTQPPQEVYACS
IFENEDFLKSVTTLAMKAKCKLTICPEEENMDDQWMQDEMEIGYIQAPHKTLPVVFDSPRNRGLKEFPIKRVMGPDFGYV
TRGPQTGGISGLDSFGNLEVSPPVTVRGKEYPLGRILFGDSCYPSNDSRQMHQALQDFLSAQQVQAPVKLYSDWLSVGHV
DEFLSFVPAPDRKGFRLLLASPRSCYKLFQEQQNEGHGEALLFEGIKKKKQQKIKNILSNKTLREHNSFVERCIDWNREL
LKRELGLAESDIIDIPQLFKLKEFSKAEAFFPNMVNMLVLGKHLGIPKPFGPVINGRCCLEEKVCSLLEPLGLQCTFIND
FFTYHIRHGEVHCGTNVRRKPFSFKWWNMVP
;
_entity_poly.pdbx_strand_id   A
#
loop_
_chem_comp.id
_chem_comp.type
_chem_comp.name
_chem_comp.formula
3YZ non-polymer [(3S,4R)-3-amino-4-hydroxypiperidin-1-yl]{2-[1-(cyclopropylmethyl)-1H-pyrrolo[2,3-b]pyridin-2-yl]-7-methoxy-1-methyl-1H-benzimidazol-5-yl}methanone 'C26 H30 N6 O3'
A1A9P non-polymer (2S)-2-amino-2-{1-[7-(4-bromophenyl)-5,6-dimethyl-7H-pyrrolo[2,3-d]pyrimidin-4-yl]piperidin-4-yl}-1-(pyrrolidin-1-yl)ethan-1-one 'C25 H31 Br N6 O'
#
# COMPACT_ATOMS: atom_id res chain seq x y z
N PHE A 8 -16.92 -22.20 7.28
CA PHE A 8 -17.04 -22.28 5.83
C PHE A 8 -16.39 -23.56 5.32
N MET A 9 -16.96 -24.15 4.27
CA MET A 9 -16.44 -25.40 3.70
C MET A 9 -16.36 -25.27 2.18
N ALA A 10 -15.22 -25.69 1.63
CA ALA A 10 -14.96 -25.66 0.20
C ALA A 10 -15.05 -27.07 -0.36
N GLN A 11 -15.03 -27.16 -1.69
CA GLN A 11 -15.18 -28.43 -2.39
C GLN A 11 -13.89 -29.25 -2.30
N GLY A 12 -13.99 -30.51 -2.72
CA GLY A 12 -12.91 -31.47 -2.57
C GLY A 12 -12.92 -32.49 -3.68
N THR A 13 -12.85 -33.77 -3.32
CA THR A 13 -12.56 -34.91 -4.19
C THR A 13 -13.83 -35.70 -4.49
N LEU A 14 -13.78 -36.50 -5.56
CA LEU A 14 -14.83 -37.43 -5.93
C LEU A 14 -14.31 -38.85 -5.79
N ILE A 15 -15.08 -39.71 -5.11
CA ILE A 15 -14.68 -41.09 -4.85
C ILE A 15 -15.62 -42.04 -5.60
N ARG A 16 -15.05 -42.85 -6.50
CA ARG A 16 -15.82 -43.84 -7.25
C ARG A 16 -15.73 -45.17 -6.50
N VAL A 17 -16.84 -45.58 -5.89
CA VAL A 17 -16.87 -46.85 -5.17
C VAL A 17 -17.35 -47.95 -6.10
N THR A 18 -16.88 -49.17 -5.83
CA THR A 18 -17.14 -50.32 -6.67
C THR A 18 -17.23 -51.58 -5.84
N PRO A 19 -18.20 -52.47 -6.14
CA PRO A 19 -18.31 -53.72 -5.36
C PRO A 19 -17.21 -54.75 -5.66
N GLU A 20 -16.32 -54.51 -6.62
CA GLU A 20 -15.31 -55.51 -6.97
C GLU A 20 -14.17 -55.50 -5.96
N GLN A 21 -13.49 -54.37 -5.83
CA GLN A 21 -12.41 -54.21 -4.88
C GLN A 21 -12.76 -53.09 -3.89
N PRO A 22 -12.32 -53.20 -2.64
CA PRO A 22 -12.53 -52.11 -1.69
C PRO A 22 -11.70 -50.89 -2.09
N THR A 23 -12.15 -49.72 -1.65
CA THR A 23 -11.59 -48.46 -2.07
C THR A 23 -11.04 -47.71 -0.86
N HIS A 24 -9.81 -47.21 -0.98
CA HIS A 24 -9.14 -46.46 0.08
C HIS A 24 -8.94 -45.01 -0.35
N ALA A 25 -9.12 -44.08 0.58
CA ALA A 25 -9.01 -42.68 0.21
C ALA A 25 -8.67 -41.84 1.43
N VAL A 26 -8.04 -40.71 1.16
CA VAL A 26 -7.74 -39.69 2.14
C VAL A 26 -8.82 -38.64 2.01
N CYS A 27 -9.22 -38.05 3.14
CA CYS A 27 -10.11 -36.90 3.11
C CYS A 27 -9.54 -35.83 4.01
N VAL A 28 -9.55 -34.60 3.55
CA VAL A 28 -8.98 -33.53 4.33
C VAL A 28 -10.11 -32.78 5.01
N LEU A 29 -10.13 -32.79 6.34
CA LEU A 29 -11.17 -32.08 7.08
C LEU A 29 -11.33 -30.68 6.53
N GLY A 30 -12.57 -30.32 6.23
CA GLY A 30 -12.89 -29.03 5.68
C GLY A 30 -13.30 -29.08 4.24
N THR A 31 -13.19 -30.24 3.60
CA THR A 31 -13.60 -30.39 2.22
C THR A 31 -14.83 -31.28 2.16
N LEU A 32 -15.66 -31.05 1.16
CA LEU A 32 -16.83 -31.87 0.90
C LEU A 32 -16.43 -32.95 -0.09
N THR A 33 -16.72 -34.20 0.23
CA THR A 33 -16.38 -35.31 -0.64
C THR A 33 -17.66 -35.92 -1.19
N GLN A 34 -17.84 -35.82 -2.50
CA GLN A 34 -19.00 -36.50 -3.08
C GLN A 34 -18.66 -37.96 -3.38
N LEU A 35 -19.71 -38.76 -3.56
CA LEU A 35 -19.57 -40.21 -3.73
C LEU A 35 -20.23 -40.64 -5.02
N ASP A 36 -19.54 -41.50 -5.77
CA ASP A 36 -20.00 -42.01 -7.06
C ASP A 36 -20.49 -43.45 -6.86
N ILE A 37 -21.80 -43.62 -6.95
CA ILE A 37 -22.42 -44.88 -6.59
C ILE A 37 -22.87 -45.65 -7.83
N CYS A 38 -23.33 -44.94 -8.86
CA CYS A 38 -23.89 -45.63 -10.02
C CYS A 38 -22.85 -46.13 -11.00
N SER A 39 -21.67 -45.49 -11.07
CA SER A 39 -20.67 -45.87 -12.07
C SER A 39 -20.28 -47.33 -12.01
N SER A 40 -20.53 -48.00 -10.88
CA SER A 40 -20.22 -49.42 -10.84
C SER A 40 -21.34 -50.20 -10.18
N ALA A 41 -22.54 -49.64 -10.13
CA ALA A 41 -23.61 -50.29 -9.40
C ALA A 41 -24.12 -51.50 -10.17
N PRO A 42 -24.51 -52.57 -9.49
CA PRO A 42 -24.97 -53.76 -10.20
C PRO A 42 -26.27 -53.53 -10.98
N GLU A 43 -26.44 -54.34 -12.02
CA GLU A 43 -27.58 -54.15 -12.92
C GLU A 43 -28.89 -54.68 -12.33
N ASP A 44 -28.85 -55.79 -11.58
CA ASP A 44 -30.07 -56.35 -11.00
C ASP A 44 -30.57 -55.55 -9.81
N CYS A 45 -29.92 -54.43 -9.48
CA CYS A 45 -30.25 -53.63 -8.31
C CYS A 45 -30.89 -52.31 -8.70
N THR A 46 -31.93 -51.96 -7.95
CA THR A 46 -32.71 -50.77 -8.18
C THR A 46 -32.52 -49.72 -7.10
N SER A 47 -32.11 -50.11 -5.90
CA SER A 47 -32.04 -49.18 -4.78
C SER A 47 -30.70 -49.36 -4.07
N PHE A 48 -30.45 -48.52 -3.07
CA PHE A 48 -29.24 -48.66 -2.28
C PHE A 48 -29.43 -48.02 -0.91
N SER A 49 -28.54 -48.38 0.01
CA SER A 49 -28.52 -47.84 1.36
C SER A 49 -27.09 -47.53 1.76
N ILE A 50 -26.98 -46.66 2.76
CA ILE A 50 -25.73 -46.03 3.19
C ILE A 50 -25.50 -46.32 4.65
N ASN A 51 -24.31 -46.77 4.98
CA ASN A 51 -24.05 -47.01 6.39
C ASN A 51 -22.56 -46.81 6.64
N ALA A 52 -22.22 -46.03 7.67
CA ALA A 52 -20.85 -45.56 7.81
C ALA A 52 -20.48 -45.47 9.29
N SER A 53 -19.19 -45.21 9.53
CA SER A 53 -18.67 -45.10 10.89
C SER A 53 -19.18 -43.83 11.57
N PRO A 54 -19.31 -43.86 12.90
CA PRO A 54 -19.78 -42.67 13.63
C PRO A 54 -19.00 -41.41 13.34
N GLY A 55 -17.82 -41.51 12.75
CA GLY A 55 -17.06 -40.30 12.50
C GLY A 55 -17.36 -39.67 11.16
N VAL A 56 -17.97 -40.43 10.26
CA VAL A 56 -18.35 -39.98 8.92
C VAL A 56 -19.76 -39.43 8.97
N VAL A 57 -19.97 -38.28 8.33
CA VAL A 57 -21.30 -37.68 8.21
C VAL A 57 -21.76 -37.84 6.76
N VAL A 58 -22.90 -38.48 6.57
CA VAL A 58 -23.42 -38.70 5.22
C VAL A 58 -24.54 -37.70 4.96
N ASP A 59 -24.74 -37.38 3.70
CA ASP A 59 -25.77 -36.42 3.33
C ASP A 59 -26.28 -36.83 1.97
N ILE A 60 -27.59 -37.02 1.83
CA ILE A 60 -28.20 -37.46 0.58
C ILE A 60 -29.13 -36.37 0.09
N ALA A 61 -29.05 -36.04 -1.20
CA ALA A 61 -29.85 -34.98 -1.80
C ALA A 61 -30.66 -35.49 -2.99
N HIS A 62 -31.88 -34.94 -3.14
CA HIS A 62 -32.79 -35.24 -4.24
C HIS A 62 -33.12 -36.73 -4.35
N SER A 74 -33.98 -45.28 6.11
CA SER A 74 -33.25 -44.41 5.17
C SER A 74 -32.89 -45.17 3.90
N THR A 75 -33.86 -45.29 2.99
CA THR A 75 -33.66 -46.01 1.75
C THR A 75 -33.66 -45.06 0.58
N TRP A 76 -32.83 -45.34 -0.41
CA TRP A 76 -32.68 -44.44 -1.54
C TRP A 76 -32.55 -45.22 -2.84
N PRO A 77 -33.10 -44.68 -3.94
CA PRO A 77 -33.03 -45.37 -5.23
C PRO A 77 -31.74 -45.07 -5.99
N LEU A 78 -31.46 -45.92 -6.97
CA LEU A 78 -30.24 -45.81 -7.79
C LEU A 78 -30.35 -44.77 -8.90
N ASP A 79 -30.91 -43.60 -8.62
CA ASP A 79 -30.99 -42.54 -9.63
C ASP A 79 -29.61 -41.91 -9.83
N PRO A 80 -29.19 -41.69 -11.06
CA PRO A 80 -27.86 -41.08 -11.27
C PRO A 80 -27.70 -39.71 -10.62
N GLY A 81 -28.78 -38.94 -10.47
CA GLY A 81 -28.70 -37.58 -9.95
C GLY A 81 -28.93 -37.42 -8.46
N VAL A 82 -28.49 -38.38 -7.66
CA VAL A 82 -28.54 -38.29 -6.20
C VAL A 82 -27.19 -37.81 -5.68
N GLU A 83 -27.19 -36.69 -4.96
CA GLU A 83 -25.94 -36.12 -4.45
C GLU A 83 -25.59 -36.84 -3.15
N VAL A 84 -24.64 -37.77 -3.20
CA VAL A 84 -24.13 -38.40 -1.99
C VAL A 84 -22.84 -37.74 -1.57
N THR A 85 -22.81 -37.14 -0.39
CA THR A 85 -21.64 -36.41 0.03
C THR A 85 -21.27 -36.77 1.47
N LEU A 86 -19.96 -36.79 1.73
CA LEU A 86 -19.41 -37.17 3.03
C LEU A 86 -18.60 -36.03 3.62
N THR A 87 -18.61 -35.93 4.94
CA THR A 87 -17.66 -35.10 5.66
C THR A 87 -17.13 -35.86 6.87
N MET A 88 -15.99 -35.43 7.36
CA MET A 88 -15.32 -36.07 8.48
C MET A 88 -15.54 -35.28 9.75
N LYS A 89 -15.83 -35.99 10.85
CA LYS A 89 -15.95 -35.26 12.11
C LYS A 89 -14.58 -34.95 12.72
N ALA A 90 -13.57 -35.80 12.51
CA ALA A 90 -12.27 -35.57 13.13
C ALA A 90 -11.22 -36.41 12.44
N ALA A 91 -9.96 -36.02 12.64
CA ALA A 91 -8.84 -36.64 11.94
C ALA A 91 -8.58 -38.04 12.45
N SER A 92 -8.05 -38.88 11.55
CA SER A 92 -7.84 -40.29 11.84
C SER A 92 -6.64 -40.51 12.77
N GLY A 93 -6.62 -41.69 13.38
CA GLY A 93 -5.48 -42.14 14.16
C GLY A 93 -4.68 -43.22 13.47
N SER A 94 -5.28 -43.87 12.46
CA SER A 94 -4.68 -45.02 11.78
C SER A 94 -5.11 -44.98 10.33
N THR A 95 -4.34 -45.65 9.47
CA THR A 95 -4.69 -45.60 8.06
C THR A 95 -5.97 -46.41 7.85
N GLY A 96 -7.10 -45.73 7.79
CA GLY A 96 -8.35 -46.39 7.49
C GLY A 96 -9.40 -46.40 8.59
N ASP A 97 -9.18 -45.64 9.68
CA ASP A 97 -10.10 -45.36 10.80
C ASP A 97 -11.58 -45.51 10.46
N GLN A 98 -12.08 -44.57 9.67
CA GLN A 98 -13.48 -44.49 9.29
C GLN A 98 -13.71 -45.34 8.06
N LYS A 99 -14.88 -45.96 7.98
CA LYS A 99 -15.22 -46.74 6.80
C LYS A 99 -16.67 -46.48 6.44
N VAL A 100 -16.96 -46.61 5.16
CA VAL A 100 -18.30 -46.43 4.61
C VAL A 100 -18.65 -47.68 3.83
N GLN A 101 -19.91 -48.09 3.88
CA GLN A 101 -20.37 -49.30 3.22
C GLN A 101 -21.65 -48.97 2.43
N ILE A 102 -21.60 -49.17 1.11
CA ILE A 102 -22.75 -48.99 0.23
C ILE A 102 -23.37 -50.35 0.02
N SER A 103 -24.62 -50.51 0.44
CA SER A 103 -25.39 -51.69 0.09
C SER A 103 -26.25 -51.38 -1.12
N TYR A 104 -26.18 -52.24 -2.15
CA TYR A 104 -27.10 -52.22 -3.28
C TYR A 104 -28.05 -53.41 -3.15
N TYR A 105 -29.35 -53.14 -3.07
CA TYR A 105 -30.34 -54.20 -3.04
C TYR A 105 -31.41 -53.93 -4.08
N GLY A 106 -32.18 -54.97 -4.40
CA GLY A 106 -33.18 -54.89 -5.42
C GLY A 106 -34.42 -55.67 -5.03
N PRO A 107 -35.30 -55.87 -6.01
CA PRO A 107 -36.59 -56.51 -5.70
C PRO A 107 -36.44 -57.95 -5.27
N LYS A 108 -35.51 -58.69 -5.86
CA LYS A 108 -35.25 -60.06 -5.44
C LYS A 108 -33.76 -60.35 -5.35
N THR A 109 -32.95 -59.32 -5.13
CA THR A 109 -31.51 -59.46 -5.08
C THR A 109 -31.02 -59.28 -3.66
N PRO A 110 -30.28 -60.24 -3.10
CA PRO A 110 -29.69 -60.03 -1.79
C PRO A 110 -28.73 -58.88 -1.83
N PRO A 111 -28.61 -58.10 -0.74
CA PRO A 111 -27.79 -56.88 -0.74
C PRO A 111 -26.33 -57.15 -1.09
N VAL A 112 -25.81 -56.37 -2.03
CA VAL A 112 -24.42 -56.47 -2.50
C VAL A 112 -23.66 -55.27 -1.97
N LYS A 113 -22.64 -55.51 -1.15
CA LYS A 113 -21.90 -54.46 -0.47
C LYS A 113 -20.72 -53.99 -1.29
N ALA A 114 -20.46 -52.68 -1.23
CA ALA A 114 -19.26 -52.05 -1.75
C ALA A 114 -18.64 -51.28 -0.59
N LEU A 115 -17.33 -51.46 -0.39
CA LEU A 115 -16.64 -50.93 0.78
C LEU A 115 -15.72 -49.78 0.42
N LEU A 116 -15.52 -48.92 1.39
CA LEU A 116 -14.73 -47.72 1.20
C LEU A 116 -14.02 -47.43 2.51
N TYR A 117 -12.69 -47.50 2.52
CA TYR A 117 -11.92 -47.21 3.72
C TYR A 117 -11.36 -45.79 3.60
N LEU A 118 -11.73 -44.93 4.54
CA LEU A 118 -11.32 -43.55 4.46
C LEU A 118 -10.36 -43.24 5.60
N THR A 119 -9.43 -42.33 5.31
CA THR A 119 -8.47 -41.84 6.29
C THR A 119 -8.58 -40.32 6.32
N ALA A 120 -9.01 -39.77 7.45
CA ALA A 120 -9.21 -38.33 7.61
C ALA A 120 -7.93 -37.64 8.09
N VAL A 121 -7.67 -36.46 7.56
CA VAL A 121 -6.40 -35.80 7.82
C VAL A 121 -6.63 -34.30 7.82
N GLU A 122 -5.98 -33.60 8.74
CA GLU A 122 -6.12 -32.14 8.83
C GLU A 122 -4.93 -31.49 8.17
N ILE A 123 -5.20 -30.55 7.27
CA ILE A 123 -4.15 -29.81 6.56
C ILE A 123 -4.63 -28.37 6.52
N SER A 124 -4.28 -27.58 7.54
CA SER A 124 -4.69 -26.18 7.60
C SER A 124 -3.49 -25.27 7.39
N LEU A 125 -3.54 -24.48 6.35
CA LEU A 125 -2.52 -23.49 6.07
C LEU A 125 -3.10 -22.12 6.42
N CYS A 126 -2.66 -21.56 7.54
CA CYS A 126 -3.26 -20.35 8.11
C CYS A 126 -2.32 -19.17 8.00
N ALA A 127 -2.88 -17.99 7.72
CA ALA A 127 -2.16 -16.72 7.74
C ALA A 127 -3.13 -15.65 8.20
N ASP A 128 -2.65 -14.42 8.34
CA ASP A 128 -3.51 -13.33 8.85
C ASP A 128 -4.49 -12.82 7.79
N ILE A 129 -5.33 -13.76 7.32
CA ILE A 129 -6.29 -13.48 6.26
C ILE A 129 -7.25 -12.36 6.66
N THR A 130 -7.68 -12.35 7.92
CA THR A 130 -8.67 -11.39 8.35
C THR A 130 -8.09 -10.00 8.55
N ARG A 131 -6.78 -9.85 8.38
CA ARG A 131 -6.11 -8.55 8.56
C ARG A 131 -6.40 -7.97 9.94
N THR A 132 -6.42 -8.85 10.94
CA THR A 132 -6.61 -8.45 12.33
C THR A 132 -5.36 -8.57 13.20
N GLY A 133 -4.29 -9.19 12.71
CA GLY A 133 -3.12 -9.39 13.52
C GLY A 133 -3.11 -10.69 14.27
N LYS A 134 -4.06 -11.57 13.99
CA LYS A 134 -4.10 -12.92 14.55
C LYS A 134 -4.24 -13.90 13.39
N VAL A 135 -3.39 -14.92 13.37
CA VAL A 135 -3.42 -15.94 12.32
C VAL A 135 -4.68 -16.81 12.49
N LYS A 136 -5.59 -16.76 11.49
CA LYS A 136 -6.85 -17.51 11.44
C LYS A 136 -6.82 -18.53 10.29
N PRO A 137 -7.49 -19.68 10.44
CA PRO A 137 -7.47 -20.71 9.38
C PRO A 137 -8.26 -20.30 8.12
N THR A 138 -7.87 -20.91 6.99
CA THR A 138 -8.52 -20.65 5.70
C THR A 138 -10.01 -21.01 5.72
N ARG A 139 -10.43 -21.95 6.58
CA ARG A 139 -11.85 -22.31 6.74
C ARG A 139 -12.67 -21.25 7.47
N ALA A 140 -12.06 -20.13 7.89
CA ALA A 140 -12.77 -19.01 8.50
C ALA A 140 -13.15 -17.94 7.48
N VAL A 141 -12.77 -18.13 6.21
CA VAL A 141 -13.09 -17.22 5.11
C VAL A 141 -13.76 -18.05 4.02
N LYS A 142 -14.72 -17.44 3.31
CA LYS A 142 -15.36 -18.13 2.20
C LYS A 142 -14.36 -18.46 1.10
N ASP A 143 -13.77 -17.43 0.49
CA ASP A 143 -12.74 -17.60 -0.53
C ASP A 143 -11.39 -17.24 0.07
N GLN A 144 -10.51 -18.22 0.12
CA GLN A 144 -9.15 -18.00 0.57
C GLN A 144 -8.22 -17.62 -0.57
N ARG A 145 -8.50 -18.10 -1.79
CA ARG A 145 -7.69 -17.80 -2.99
C ARG A 145 -8.18 -16.53 -3.68
N THR A 146 -8.28 -15.46 -2.91
CA THR A 146 -8.66 -14.17 -3.47
C THR A 146 -8.40 -13.07 -2.45
N TRP A 147 -7.90 -11.93 -2.94
CA TRP A 147 -7.63 -10.76 -2.13
C TRP A 147 -8.66 -9.69 -2.46
N THR A 148 -9.38 -9.22 -1.45
CA THR A 148 -10.45 -8.26 -1.65
C THR A 148 -10.19 -7.06 -0.76
N TRP A 149 -10.29 -5.86 -1.35
CA TRP A 149 -10.01 -4.66 -0.57
C TRP A 149 -11.13 -4.43 0.43
N GLY A 150 -10.94 -3.46 1.31
CA GLY A 150 -12.02 -2.99 2.13
C GLY A 150 -12.16 -3.64 3.50
N PRO A 151 -12.99 -3.03 4.34
CA PRO A 151 -13.18 -3.54 5.69
C PRO A 151 -13.90 -4.87 5.78
N CYS A 152 -14.39 -5.43 4.66
CA CYS A 152 -15.06 -6.73 4.69
C CYS A 152 -14.25 -7.79 3.96
N GLY A 153 -13.05 -7.46 3.51
CA GLY A 153 -12.34 -8.33 2.60
C GLY A 153 -11.38 -9.28 3.28
N GLN A 154 -10.75 -10.12 2.44
CA GLN A 154 -9.90 -11.20 2.90
C GLN A 154 -8.56 -11.05 2.21
N GLY A 155 -7.52 -11.63 2.83
CA GLY A 155 -6.22 -11.57 2.21
C GLY A 155 -5.16 -10.92 3.06
N ALA A 156 -4.12 -11.69 3.41
CA ALA A 156 -3.00 -11.26 4.25
C ALA A 156 -2.13 -10.23 3.55
N ILE A 157 -1.18 -9.66 4.30
CA ILE A 157 -0.37 -8.54 3.85
C ILE A 157 1.12 -8.80 4.14
N LEU A 158 1.99 -8.48 3.16
CA LEU A 158 3.44 -8.63 3.31
C LEU A 158 4.15 -7.27 3.27
N LEU A 159 5.30 -7.18 3.92
CA LEU A 159 6.11 -5.99 3.89
C LEU A 159 7.33 -6.24 3.01
N VAL A 160 7.82 -5.21 2.38
CA VAL A 160 9.03 -5.34 1.59
C VAL A 160 10.25 -5.22 2.48
N ASN A 161 11.22 -6.08 2.21
CA ASN A 161 12.55 -6.00 2.84
C ASN A 161 13.31 -4.83 2.24
N CYS A 162 13.57 -3.80 3.05
CA CYS A 162 14.17 -2.54 2.60
C CYS A 162 15.54 -2.30 3.22
N ASP A 163 16.32 -3.35 3.43
CA ASP A 163 17.64 -3.22 4.01
C ASP A 163 18.67 -3.53 2.94
N ARG A 164 19.55 -2.57 2.68
CA ARG A 164 20.59 -2.69 1.67
C ARG A 164 21.67 -3.70 2.08
N VAL A 179 22.24 -17.08 11.45
CA VAL A 179 21.07 -17.09 12.30
C VAL A 179 20.20 -15.85 12.08
N LEU A 180 18.88 -16.02 12.24
CA LEU A 180 17.92 -14.92 12.23
C LEU A 180 17.32 -14.77 13.62
N ASP A 181 17.57 -13.64 14.27
CA ASP A 181 16.98 -13.44 15.58
C ASP A 181 15.49 -13.11 15.44
N SER A 182 14.79 -13.13 16.57
CA SER A 182 13.41 -12.66 16.59
C SER A 182 13.31 -11.26 16.01
N GLU A 183 14.34 -10.43 16.20
CA GLU A 183 14.30 -9.06 15.72
C GLU A 183 14.15 -8.98 14.20
N ASP A 184 14.78 -9.91 13.46
CA ASP A 184 14.65 -9.89 12.01
C ASP A 184 13.28 -10.35 11.57
N LEU A 185 12.65 -11.21 12.35
CA LEU A 185 11.35 -11.76 11.99
C LEU A 185 10.18 -10.89 12.45
N GLN A 186 10.45 -9.80 13.17
CA GLN A 186 9.36 -8.91 13.57
C GLN A 186 8.73 -8.21 12.38
N ASP A 187 9.49 -8.01 11.29
CA ASP A 187 8.93 -7.44 10.08
C ASP A 187 8.25 -8.49 9.21
N MET A 188 8.61 -9.75 9.36
CA MET A 188 8.10 -10.75 8.44
C MET A 188 6.70 -11.16 8.87
N SER A 189 5.99 -11.80 7.97
CA SER A 189 4.63 -12.24 8.22
C SER A 189 4.60 -13.72 8.59
N LEU A 190 3.77 -14.06 9.56
CA LEU A 190 3.65 -15.42 10.02
C LEU A 190 2.72 -16.22 9.12
N MET A 191 3.10 -17.45 8.86
CA MET A 191 2.23 -18.41 8.17
C MET A 191 2.47 -19.75 8.84
N THR A 192 1.40 -20.38 9.28
CA THR A 192 1.52 -21.64 9.99
C THR A 192 0.92 -22.75 9.16
N LEU A 193 1.42 -23.96 9.41
CA LEU A 193 0.85 -25.18 8.87
C LEU A 193 0.49 -26.06 10.05
N SER A 194 -0.78 -26.42 10.16
CA SER A 194 -1.19 -27.40 11.14
C SER A 194 -1.62 -28.65 10.42
N THR A 195 -1.00 -29.77 10.77
CA THR A 195 -1.40 -31.07 10.30
C THR A 195 -1.75 -31.97 11.46
N LYS A 196 -2.73 -32.85 11.25
CA LYS A 196 -3.13 -33.84 12.24
C LYS A 196 -3.42 -35.11 11.44
N THR A 197 -2.44 -36.00 11.42
CA THR A 197 -2.42 -37.13 10.51
C THR A 197 -2.11 -38.41 11.29
N PRO A 198 -2.52 -39.57 10.78
CA PRO A 198 -2.11 -40.83 11.41
C PRO A 198 -0.59 -40.93 11.49
N LYS A 199 -0.13 -41.77 12.41
CA LYS A 199 1.29 -41.81 12.75
C LYS A 199 2.15 -42.11 11.52
N ASP A 200 1.66 -43.00 10.66
CA ASP A 200 2.38 -43.49 9.48
C ASP A 200 1.97 -42.76 8.22
N PHE A 201 1.48 -41.53 8.32
CA PHE A 201 0.77 -40.96 7.17
C PHE A 201 1.72 -40.51 6.08
N PHE A 202 2.87 -39.93 6.44
CA PHE A 202 3.79 -39.37 5.46
C PHE A 202 4.81 -40.38 4.98
N THR A 203 4.56 -41.66 5.25
CA THR A 203 5.26 -42.70 4.51
C THR A 203 4.78 -42.75 3.07
N ASN A 204 3.46 -42.59 2.86
CA ASN A 204 2.85 -42.63 1.52
C ASN A 204 2.43 -41.27 0.98
N HIS A 205 2.45 -40.21 1.76
CA HIS A 205 2.16 -38.90 1.21
C HIS A 205 3.32 -37.98 1.53
N THR A 206 3.41 -36.88 0.77
CA THR A 206 4.27 -35.77 1.12
C THR A 206 3.50 -34.49 0.80
N LEU A 207 3.85 -33.44 1.54
CA LEU A 207 3.34 -32.09 1.36
C LEU A 207 4.42 -31.25 0.74
N VAL A 208 4.05 -30.46 -0.26
CA VAL A 208 4.98 -29.54 -0.85
C VAL A 208 4.39 -28.14 -0.80
N LEU A 209 5.22 -27.17 -0.45
CA LEU A 209 4.89 -25.77 -0.51
C LEU A 209 5.48 -25.20 -1.79
N HIS A 210 4.72 -24.34 -2.47
CA HIS A 210 5.25 -23.78 -3.70
C HIS A 210 4.64 -22.43 -3.99
N VAL A 211 5.40 -21.62 -4.74
CA VAL A 211 4.96 -20.33 -5.25
C VAL A 211 5.13 -20.38 -6.77
N ALA A 212 4.27 -19.61 -7.45
CA ALA A 212 4.28 -19.59 -8.91
C ALA A 212 5.60 -19.07 -9.41
N ARG A 213 6.12 -19.68 -10.48
CA ARG A 213 7.44 -19.28 -10.95
C ARG A 213 7.52 -17.79 -11.16
N SER A 214 6.42 -17.19 -11.60
CA SER A 214 6.40 -15.78 -11.96
C SER A 214 6.46 -14.87 -10.75
N GLU A 215 6.07 -15.37 -9.58
CA GLU A 215 6.07 -14.61 -8.34
C GLU A 215 7.24 -14.96 -7.42
N MET A 216 8.10 -15.91 -7.84
CA MET A 216 9.08 -16.41 -6.90
C MET A 216 10.15 -15.38 -6.62
N ASP A 217 10.55 -14.61 -7.61
CA ASP A 217 11.57 -13.60 -7.35
C ASP A 217 11.04 -12.43 -6.56
N LYS A 218 9.80 -12.47 -6.09
CA LYS A 218 9.24 -11.36 -5.33
C LYS A 218 8.91 -11.75 -3.90
N VAL A 219 9.27 -12.95 -3.45
CA VAL A 219 8.95 -13.38 -2.10
C VAL A 219 10.13 -14.14 -1.54
N ARG A 220 10.12 -14.33 -0.22
CA ARG A 220 11.06 -15.23 0.43
C ARG A 220 10.40 -15.82 1.67
N VAL A 221 10.47 -17.15 1.80
CA VAL A 221 9.81 -17.86 2.87
C VAL A 221 10.85 -18.56 3.73
N PHE A 222 10.81 -18.33 5.02
CA PHE A 222 11.70 -18.99 5.96
C PHE A 222 10.94 -19.98 6.82
N GLN A 223 11.61 -21.06 7.18
CA GLN A 223 11.01 -22.09 8.00
C GLN A 223 11.51 -21.93 9.42
N ALA A 224 10.58 -21.84 10.36
CA ALA A 224 10.93 -21.59 11.75
C ALA A 224 11.56 -22.84 12.36
N THR A 225 12.87 -22.75 12.61
CA THR A 225 13.56 -23.81 13.33
C THR A 225 13.11 -23.90 14.79
N ARG A 226 12.46 -22.86 15.33
CA ARG A 226 12.05 -22.79 16.73
C ARG A 226 13.24 -22.95 17.67
N LEU A 229 12.35 -18.20 16.09
CA LEU A 229 13.78 -18.46 15.88
C LEU A 229 13.98 -19.24 14.58
N SER A 230 14.76 -18.67 13.66
CA SER A 230 15.07 -19.30 12.38
C SER A 230 16.54 -19.05 12.05
N SER A 231 16.99 -19.57 10.91
CA SER A 231 18.38 -19.42 10.49
C SER A 231 18.44 -18.83 9.08
N LYS A 232 19.54 -18.13 8.80
CA LYS A 232 19.68 -17.45 7.52
C LYS A 232 19.69 -18.42 6.34
N CYS A 233 19.97 -19.70 6.59
CA CYS A 233 19.95 -20.75 5.58
C CYS A 233 18.71 -21.64 5.67
N SER A 234 17.63 -21.16 6.29
CA SER A 234 16.36 -21.86 6.39
C SER A 234 15.39 -21.44 5.30
N VAL A 235 15.88 -20.87 4.20
CA VAL A 235 15.00 -20.38 3.14
C VAL A 235 14.37 -21.59 2.46
N VAL A 236 13.05 -21.67 2.47
CA VAL A 236 12.40 -22.78 1.79
C VAL A 236 11.93 -22.36 0.40
N LEU A 237 11.42 -21.15 0.26
CA LEU A 237 10.92 -20.63 -1.01
C LEU A 237 11.55 -19.29 -1.27
N GLY A 238 11.58 -18.91 -2.53
CA GLY A 238 12.16 -17.66 -2.91
C GLY A 238 12.81 -17.75 -4.27
N PRO A 239 13.53 -16.70 -4.65
CA PRO A 239 14.07 -16.64 -6.00
C PRO A 239 14.82 -17.91 -6.32
N LYS A 240 14.69 -18.33 -7.58
CA LYS A 240 15.35 -19.54 -8.11
C LYS A 240 14.89 -20.83 -7.42
N TRP A 241 13.97 -20.76 -6.43
CA TRP A 241 13.41 -21.93 -5.71
C TRP A 241 11.90 -21.78 -5.61
N PRO A 242 11.14 -22.36 -6.55
CA PRO A 242 9.69 -22.17 -6.54
C PRO A 242 8.93 -23.17 -5.70
N SER A 243 9.53 -24.31 -5.35
CA SER A 243 8.79 -25.29 -4.59
C SER A 243 9.71 -25.99 -3.62
N HIS A 244 9.11 -26.53 -2.56
CA HIS A 244 9.88 -27.13 -1.47
C HIS A 244 9.08 -28.25 -0.82
N TYR A 245 9.71 -29.43 -0.64
CA TYR A 245 9.09 -30.59 0.00
C TYR A 245 9.19 -30.45 1.51
N LEU A 246 8.05 -30.23 2.18
CA LEU A 246 8.02 -30.20 3.64
C LEU A 246 8.33 -31.57 4.21
N MET A 247 9.14 -31.58 5.26
CA MET A 247 9.41 -32.81 6.01
C MET A 247 8.52 -32.75 7.24
N VAL A 248 7.39 -33.43 7.17
CA VAL A 248 6.37 -33.40 8.22
C VAL A 248 6.26 -34.79 8.81
N PRO A 249 6.28 -34.93 10.14
CA PRO A 249 6.04 -36.24 10.77
C PRO A 249 4.57 -36.48 11.04
N GLY A 250 4.23 -37.76 11.13
CA GLY A 250 2.87 -38.14 11.44
C GLY A 250 2.41 -37.59 12.79
N GLY A 251 1.12 -37.75 13.06
CA GLY A 251 0.55 -37.25 14.29
C GLY A 251 0.10 -35.82 14.17
N LYS A 252 0.01 -35.17 15.33
CA LYS A 252 -0.33 -33.74 15.42
C LYS A 252 0.97 -32.93 15.29
N HIS A 253 1.05 -32.07 14.27
CA HIS A 253 2.24 -31.24 14.10
C HIS A 253 1.93 -29.88 13.55
N ASN A 254 2.57 -28.86 14.11
CA ASN A 254 2.44 -27.47 13.67
C ASN A 254 3.82 -26.92 13.35
N MET A 255 3.95 -26.23 12.20
CA MET A 255 5.21 -25.61 11.84
C MET A 255 4.97 -24.22 11.26
N ASP A 256 5.92 -23.32 11.52
CA ASP A 256 5.80 -21.90 11.24
C ASP A 256 6.67 -21.49 10.07
N PHE A 257 6.16 -20.57 9.29
CA PHE A 257 6.93 -19.97 8.23
C PHE A 257 6.89 -18.47 8.37
N TYR A 258 7.95 -17.84 7.89
CA TYR A 258 8.04 -16.39 7.88
C TYR A 258 8.22 -15.93 6.45
N VAL A 259 7.38 -15.00 6.02
CA VAL A 259 7.33 -14.57 4.64
C VAL A 259 7.59 -13.07 4.58
N GLU A 260 8.68 -12.68 3.90
CA GLU A 260 8.97 -11.30 3.53
C GLU A 260 8.74 -11.14 2.04
N ALA A 261 8.48 -9.91 1.61
CA ALA A 261 8.35 -9.59 0.19
C ALA A 261 9.60 -8.85 -0.28
N LEU A 262 9.95 -9.03 -1.57
CA LEU A 262 11.21 -8.55 -2.13
C LEU A 262 11.04 -7.44 -3.15
N ALA A 263 9.82 -7.02 -3.42
CA ALA A 263 9.57 -6.04 -4.47
C ALA A 263 8.22 -5.38 -4.23
N PHE A 264 8.21 -4.07 -4.33
CA PHE A 264 6.99 -3.28 -4.30
C PHE A 264 6.14 -3.52 -5.56
N PRO A 265 4.86 -3.16 -5.51
CA PRO A 265 4.05 -3.21 -6.74
C PRO A 265 4.61 -2.25 -7.77
N ASP A 266 4.38 -2.58 -9.03
CA ASP A 266 5.05 -1.91 -10.14
C ASP A 266 4.26 -2.24 -11.39
N THR A 267 4.60 -1.56 -12.49
CA THR A 267 3.90 -1.84 -13.75
C THR A 267 3.87 -3.33 -14.06
N ASP A 268 4.93 -4.06 -13.72
CA ASP A 268 4.93 -5.48 -14.03
C ASP A 268 4.64 -6.34 -12.82
N PHE A 269 4.24 -5.76 -11.69
CA PHE A 269 3.87 -6.54 -10.52
C PHE A 269 2.63 -5.96 -9.87
N PRO A 270 1.47 -6.57 -10.09
CA PRO A 270 0.25 -6.05 -9.46
C PRO A 270 0.33 -6.02 -7.94
N GLY A 271 0.96 -7.00 -7.31
CA GLY A 271 1.25 -6.91 -5.89
C GLY A 271 0.74 -8.10 -5.10
N LEU A 272 0.32 -9.16 -5.80
CA LEU A 272 -0.23 -10.34 -5.19
C LEU A 272 0.76 -11.48 -5.31
N ILE A 273 0.84 -12.28 -4.24
CA ILE A 273 1.71 -13.44 -4.14
C ILE A 273 0.91 -14.52 -3.44
N THR A 274 0.66 -15.62 -4.14
CA THR A 274 -0.18 -16.71 -3.66
C THR A 274 0.74 -17.85 -3.29
N LEU A 275 0.78 -18.23 -2.02
CA LEU A 275 1.55 -19.42 -1.64
C LEU A 275 0.58 -20.60 -1.53
N THR A 276 0.98 -21.73 -2.08
CA THR A 276 0.11 -22.88 -2.12
C THR A 276 0.79 -24.06 -1.48
N ILE A 277 0.00 -24.86 -0.81
CA ILE A 277 0.47 -26.13 -0.25
C ILE A 277 -0.32 -27.24 -0.92
N SER A 278 0.39 -28.33 -1.28
CA SER A 278 -0.21 -29.44 -2.01
C SER A 278 0.09 -30.74 -1.30
N LEU A 279 -0.93 -31.59 -1.16
CA LEU A 279 -0.76 -32.95 -0.66
C LEU A 279 -0.56 -33.91 -1.84
N LEU A 280 0.63 -34.49 -1.93
CA LEU A 280 0.91 -35.49 -2.95
C LEU A 280 0.85 -36.91 -2.39
N ASP A 281 0.35 -37.82 -3.22
CA ASP A 281 0.28 -39.24 -2.92
C ASP A 281 1.43 -39.92 -3.65
N THR A 282 2.27 -40.63 -2.90
CA THR A 282 3.49 -41.23 -3.45
C THR A 282 3.53 -42.73 -3.19
N SER A 283 2.37 -43.35 -2.92
CA SER A 283 2.33 -44.72 -2.44
C SER A 283 2.74 -45.70 -3.54
N ASN A 284 2.42 -45.40 -4.79
CA ASN A 284 2.94 -46.18 -5.90
C ASN A 284 4.37 -45.71 -6.20
N LEU A 285 5.26 -46.68 -6.37
CA LEU A 285 6.65 -46.38 -6.63
C LEU A 285 6.93 -46.21 -8.12
N GLU A 286 6.13 -46.83 -8.98
CA GLU A 286 6.35 -46.77 -10.42
C GLU A 286 5.76 -45.51 -11.05
N LEU A 287 4.58 -45.14 -10.62
CA LEU A 287 3.85 -44.05 -11.24
C LEU A 287 4.18 -42.73 -10.57
N PRO A 288 4.03 -41.61 -11.28
CA PRO A 288 4.35 -40.31 -10.71
C PRO A 288 3.45 -39.96 -9.52
N GLU A 289 3.81 -38.87 -8.85
CA GLU A 289 3.03 -38.39 -7.70
C GLU A 289 1.63 -37.99 -8.17
N ALA A 290 0.66 -38.10 -7.26
CA ALA A 290 -0.72 -37.74 -7.57
C ALA A 290 -1.23 -36.72 -6.55
N VAL A 291 -1.66 -35.54 -7.02
CA VAL A 291 -2.20 -34.55 -6.09
C VAL A 291 -3.51 -35.06 -5.55
N VAL A 292 -3.71 -34.91 -4.25
CA VAL A 292 -4.99 -35.21 -3.65
C VAL A 292 -5.61 -33.99 -3.04
N PHE A 293 -4.89 -32.87 -2.98
CA PHE A 293 -5.37 -31.71 -2.25
C PHE A 293 -4.43 -30.51 -2.39
N GLN A 294 -5.01 -29.33 -2.63
CA GLN A 294 -4.25 -28.08 -2.63
C GLN A 294 -4.96 -27.06 -1.76
N ASP A 295 -4.18 -26.13 -1.22
CA ASP A 295 -4.78 -25.04 -0.47
C ASP A 295 -3.80 -23.89 -0.51
N SER A 296 -4.32 -22.68 -0.50
CA SER A 296 -3.45 -21.55 -0.76
C SER A 296 -3.88 -20.35 0.07
N VAL A 297 -2.91 -19.47 0.34
CA VAL A 297 -3.21 -18.14 0.87
C VAL A 297 -2.64 -17.10 -0.08
N VAL A 298 -3.34 -15.96 -0.16
CA VAL A 298 -2.97 -14.88 -1.05
C VAL A 298 -2.49 -13.70 -0.23
N PHE A 299 -1.29 -13.23 -0.54
CA PHE A 299 -0.68 -12.08 0.11
C PHE A 299 -0.70 -10.91 -0.84
N ARG A 300 -0.90 -9.73 -0.29
CA ARG A 300 -0.73 -8.50 -1.05
C ARG A 300 0.42 -7.72 -0.44
N VAL A 301 1.37 -7.30 -1.28
CA VAL A 301 2.50 -6.51 -0.82
C VAL A 301 2.04 -5.11 -0.44
N ALA A 302 2.32 -4.69 0.77
CA ALA A 302 1.88 -3.37 1.19
C ALA A 302 2.59 -2.28 0.37
N PRO A 303 1.85 -1.32 -0.18
CA PRO A 303 2.46 -0.29 -1.03
C PRO A 303 3.20 0.76 -0.20
N TRP A 304 3.96 1.59 -0.92
CA TRP A 304 4.64 2.73 -0.34
C TRP A 304 3.68 3.91 -0.31
N ILE A 305 3.56 4.55 0.87
CA ILE A 305 2.56 5.58 1.15
C ILE A 305 3.25 6.82 1.69
N MET A 306 2.83 8.00 1.22
CA MET A 306 3.46 9.27 1.56
C MET A 306 2.57 10.06 2.52
N THR A 307 3.19 10.99 3.28
CA THR A 307 2.43 11.76 4.25
C THR A 307 2.28 13.24 3.85
N PRO A 308 1.04 13.72 3.82
CA PRO A 308 0.78 15.14 3.56
C PRO A 308 1.23 16.00 4.73
N ASN A 309 1.44 17.28 4.45
CA ASN A 309 1.81 18.21 5.51
C ASN A 309 0.79 18.29 6.63
N THR A 310 -0.43 17.79 6.44
CA THR A 310 -1.39 17.78 7.53
C THR A 310 -1.13 16.68 8.55
N GLN A 311 -0.31 15.71 8.23
CA GLN A 311 0.00 14.71 9.21
C GLN A 311 0.95 15.30 10.26
N PRO A 312 0.72 15.01 11.54
CA PRO A 312 1.59 15.54 12.62
C PRO A 312 3.04 15.12 12.44
N PRO A 313 3.98 16.06 12.60
CA PRO A 313 5.41 15.75 12.40
C PRO A 313 6.01 14.99 13.57
N GLN A 314 6.79 13.96 13.25
CA GLN A 314 7.53 13.20 14.25
C GLN A 314 8.97 13.65 14.41
N GLU A 315 9.66 13.96 13.31
CA GLU A 315 11.06 14.36 13.40
C GLU A 315 11.41 15.25 12.21
N VAL A 316 12.18 16.30 12.47
CA VAL A 316 12.64 17.24 11.45
C VAL A 316 14.14 17.02 11.26
N TYR A 317 14.53 16.75 10.02
CA TYR A 317 15.94 16.64 9.68
C TYR A 317 16.38 17.93 8.97
N ALA A 318 17.49 18.50 9.42
CA ALA A 318 17.99 19.74 8.85
C ALA A 318 19.46 19.59 8.46
N CYS A 319 19.90 20.48 7.57
CA CYS A 319 21.31 20.58 7.25
C CYS A 319 21.66 22.03 6.91
N GLU A 325 25.17 30.25 9.14
CA GLU A 325 23.95 29.46 9.27
C GLU A 325 23.21 29.84 10.54
N ASP A 326 22.47 30.95 10.48
CA ASP A 326 21.68 31.42 11.60
C ASP A 326 20.24 30.95 11.54
N PHE A 327 19.83 30.32 10.43
CA PHE A 327 18.47 29.80 10.32
C PHE A 327 18.24 28.59 11.21
N LEU A 328 19.30 27.96 11.72
CA LEU A 328 19.13 26.83 12.64
C LEU A 328 18.34 27.23 13.88
N LYS A 329 18.63 28.41 14.46
CA LYS A 329 17.92 28.80 15.66
C LYS A 329 16.43 28.96 15.39
N SER A 330 16.08 29.51 14.22
CA SER A 330 14.67 29.70 13.88
C SER A 330 13.94 28.37 13.76
N VAL A 331 14.59 27.34 13.21
CA VAL A 331 13.92 26.05 13.08
C VAL A 331 13.98 25.26 14.39
N THR A 332 14.99 25.49 15.23
CA THR A 332 15.01 24.83 16.53
C THR A 332 13.94 25.41 17.45
N THR A 333 13.72 26.73 17.38
CA THR A 333 12.59 27.32 18.09
C THR A 333 11.28 26.70 17.61
N LEU A 334 11.05 26.75 16.29
CA LEU A 334 9.89 26.09 15.70
C LEU A 334 9.70 24.70 16.26
N ALA A 335 10.75 23.87 16.18
CA ALA A 335 10.65 22.48 16.63
C ALA A 335 10.26 22.42 18.11
N MET A 336 10.86 23.27 18.94
CA MET A 336 10.49 23.33 20.35
C MET A 336 9.01 23.64 20.52
N LYS A 337 8.52 24.71 19.87
CA LYS A 337 7.13 25.14 20.07
C LYS A 337 6.13 24.12 19.57
N ALA A 338 6.47 23.38 18.52
CA ALA A 338 5.57 22.37 18.00
C ALA A 338 5.78 21.02 18.67
N LYS A 339 6.58 20.97 19.74
CA LYS A 339 6.85 19.76 20.51
C LYS A 339 7.29 18.61 19.60
N CYS A 340 8.22 18.93 18.70
CA CYS A 340 8.70 17.99 17.69
C CYS A 340 10.21 17.88 17.75
N LYS A 341 10.72 16.69 17.41
CA LYS A 341 12.15 16.41 17.47
C LYS A 341 12.89 17.05 16.29
N LEU A 342 14.12 17.51 16.55
CA LEU A 342 14.95 18.12 15.52
C LEU A 342 16.35 17.54 15.57
N THR A 343 16.69 16.73 14.58
CA THR A 343 18.03 16.23 14.39
C THR A 343 18.79 17.12 13.41
N ILE A 344 20.12 17.11 13.53
CA ILE A 344 20.99 18.00 12.78
C ILE A 344 22.10 17.19 12.11
N CYS A 345 22.60 17.71 10.99
CA CYS A 345 23.71 17.06 10.28
C CYS A 345 24.77 18.07 9.87
N GLN A 357 17.11 16.58 1.61
CA GLN A 357 16.51 17.61 0.76
C GLN A 357 15.49 17.00 -0.19
N ASP A 358 15.18 17.71 -1.28
CA ASP A 358 14.37 17.18 -2.39
C ASP A 358 15.07 15.99 -3.15
N GLU A 359 16.17 15.43 -2.64
CA GLU A 359 16.74 14.22 -3.23
C GLU A 359 16.22 12.95 -2.59
N MET A 360 15.39 13.06 -1.55
CA MET A 360 14.79 11.88 -0.93
C MET A 360 13.43 12.25 -0.36
N GLU A 361 12.61 11.23 -0.15
CA GLU A 361 11.29 11.41 0.42
C GLU A 361 11.02 10.28 1.41
N ILE A 362 10.36 10.61 2.54
CA ILE A 362 10.22 9.69 3.68
C ILE A 362 8.77 9.25 3.78
N GLY A 363 8.49 8.03 3.32
CA GLY A 363 7.17 7.43 3.36
C GLY A 363 7.05 6.35 4.41
N TYR A 364 6.08 5.45 4.21
CA TYR A 364 6.02 4.30 5.09
C TYR A 364 5.37 3.14 4.38
N ILE A 365 5.54 1.95 4.96
CA ILE A 365 4.80 0.76 4.57
C ILE A 365 4.20 0.18 5.84
N GLN A 366 3.01 -0.41 5.72
CA GLN A 366 2.17 -0.70 6.86
C GLN A 366 1.55 -2.08 6.74
N ALA A 367 1.56 -2.83 7.83
CA ALA A 367 0.91 -4.13 7.86
C ALA A 367 0.29 -4.31 9.23
N PRO A 368 -0.74 -5.16 9.36
CA PRO A 368 -1.43 -5.30 10.63
C PRO A 368 -0.51 -5.54 11.80
N HIS A 369 0.65 -6.15 11.57
CA HIS A 369 1.61 -6.37 12.65
C HIS A 369 2.69 -5.29 12.73
N LYS A 370 2.95 -4.52 11.68
CA LYS A 370 4.05 -3.59 11.80
C LYS A 370 3.85 -2.41 10.86
N THR A 371 4.32 -1.25 11.29
CA THR A 371 4.39 -0.06 10.45
C THR A 371 5.84 0.39 10.44
N LEU A 372 6.44 0.46 9.26
CA LEU A 372 7.83 0.85 9.20
C LEU A 372 7.96 2.03 8.24
N PRO A 373 8.78 3.01 8.56
CA PRO A 373 8.94 4.16 7.66
C PRO A 373 10.03 3.87 6.65
N VAL A 374 9.78 4.09 5.37
CA VAL A 374 10.74 3.72 4.32
C VAL A 374 11.18 4.99 3.63
N VAL A 375 12.50 5.18 3.52
CA VAL A 375 13.03 6.36 2.84
C VAL A 375 13.33 6.00 1.40
N PHE A 376 12.79 6.78 0.48
CA PHE A 376 13.09 6.67 -0.93
C PHE A 376 14.06 7.76 -1.32
N ASP A 377 15.08 7.40 -2.08
CA ASP A 377 16.10 8.33 -2.53
C ASP A 377 16.28 8.16 -4.03
N SER A 378 16.22 9.27 -4.77
CA SER A 378 16.55 9.28 -6.20
C SER A 378 17.91 9.93 -6.38
N PRO A 379 18.98 9.15 -6.53
CA PRO A 379 20.34 9.74 -6.57
C PRO A 379 20.62 10.42 -7.91
N ARG A 380 21.47 11.44 -7.84
CA ARG A 380 21.90 12.18 -9.02
C ARG A 380 23.42 12.45 -8.98
N PHE A 397 14.67 3.29 10.28
CA PHE A 397 15.35 2.36 9.39
C PHE A 397 14.53 2.17 8.12
N GLY A 398 15.13 1.61 7.07
CA GLY A 398 14.41 1.33 5.83
C GLY A 398 14.76 2.30 4.71
N TYR A 399 15.41 1.81 3.67
CA TYR A 399 15.93 2.70 2.64
C TYR A 399 15.88 2.00 1.28
N VAL A 400 15.51 2.73 0.22
CA VAL A 400 15.33 2.20 -1.13
C VAL A 400 15.80 3.23 -2.15
N THR A 401 16.52 2.79 -3.18
CA THR A 401 17.09 3.70 -4.17
C THR A 401 16.61 3.36 -5.59
N ARG A 402 16.88 4.26 -6.54
CA ARG A 402 16.48 4.09 -7.93
C ARG A 402 17.64 4.41 -8.88
N GLY A 403 17.75 3.69 -10.00
CA GLY A 403 18.81 3.92 -10.97
C GLY A 403 18.34 4.02 -12.43
N PRO A 404 18.97 4.93 -13.22
CA PRO A 404 18.55 5.18 -14.60
C PRO A 404 19.16 4.20 -15.61
N ILE A 409 16.26 10.82 -16.89
CA ILE A 409 16.76 11.75 -15.87
C ILE A 409 16.39 13.21 -16.21
N SER A 410 15.10 13.48 -16.16
CA SER A 410 14.51 14.78 -16.49
C SER A 410 14.33 15.63 -15.24
N GLY A 411 14.24 16.95 -15.45
CA GLY A 411 14.05 17.87 -14.34
C GLY A 411 12.82 17.61 -13.48
N LEU A 412 11.75 17.03 -14.05
CA LEU A 412 10.55 16.80 -13.25
C LEU A 412 10.57 15.46 -12.52
N ASP A 413 11.69 14.73 -12.59
CA ASP A 413 11.84 13.47 -11.87
C ASP A 413 12.38 13.69 -10.46
N SER A 414 11.79 14.64 -9.72
CA SER A 414 12.26 14.94 -8.38
C SER A 414 11.12 14.82 -7.39
N PHE A 415 11.43 14.36 -6.17
CA PHE A 415 10.44 14.38 -5.09
C PHE A 415 9.95 15.78 -4.82
N GLY A 416 10.71 16.78 -5.24
CA GLY A 416 10.24 18.14 -5.20
C GLY A 416 9.04 18.37 -6.07
N ASN A 417 8.78 17.47 -7.02
CA ASN A 417 7.62 17.53 -7.89
C ASN A 417 6.51 16.58 -7.45
N LEU A 418 6.35 16.38 -6.14
CA LEU A 418 5.50 15.33 -5.57
C LEU A 418 4.92 15.83 -4.25
N GLU A 419 3.67 16.29 -4.28
CA GLU A 419 2.95 16.70 -3.08
C GLU A 419 1.82 15.71 -2.79
N VAL A 420 1.25 15.76 -1.58
CA VAL A 420 0.17 14.86 -1.18
C VAL A 420 -0.94 15.64 -0.53
N SER A 421 -2.13 15.61 -1.13
CA SER A 421 -3.28 16.22 -0.49
C SER A 421 -3.52 15.59 0.87
N PRO A 422 -4.28 16.26 1.71
CA PRO A 422 -4.80 15.61 2.91
C PRO A 422 -5.89 14.64 2.52
N PRO A 423 -6.37 13.82 3.45
CA PRO A 423 -7.49 12.92 3.12
C PRO A 423 -8.66 13.73 2.59
N VAL A 424 -9.27 13.23 1.51
CA VAL A 424 -10.25 13.99 0.78
C VAL A 424 -11.32 13.06 0.22
N THR A 425 -12.46 13.63 -0.13
CA THR A 425 -13.59 12.89 -0.69
C THR A 425 -14.18 13.67 -1.85
N VAL A 426 -14.23 13.03 -3.02
CA VAL A 426 -14.37 13.75 -4.28
C VAL A 426 -15.59 13.22 -5.00
N ARG A 427 -16.70 13.96 -4.90
CA ARG A 427 -17.93 13.55 -5.56
C ARG A 427 -18.24 12.10 -5.22
N GLY A 428 -18.19 11.78 -3.93
CA GLY A 428 -18.54 10.45 -3.46
C GLY A 428 -17.38 9.54 -3.12
N LYS A 429 -16.44 9.39 -4.06
CA LYS A 429 -15.25 8.57 -3.84
C LYS A 429 -14.46 9.13 -2.67
N GLU A 430 -14.00 8.24 -1.79
CA GLU A 430 -13.20 8.66 -0.65
C GLU A 430 -11.73 8.27 -0.86
N TYR A 431 -10.82 9.23 -0.64
CA TYR A 431 -9.37 9.00 -0.62
C TYR A 431 -8.88 9.32 0.78
N PRO A 432 -8.96 8.35 1.70
CA PRO A 432 -8.61 8.63 3.10
C PRO A 432 -7.12 8.71 3.36
N LEU A 433 -6.27 8.37 2.40
CA LEU A 433 -4.85 8.61 2.53
C LEU A 433 -4.39 9.75 1.65
N GLY A 434 -5.32 10.59 1.18
CA GLY A 434 -4.99 11.69 0.31
C GLY A 434 -4.76 11.21 -1.10
N ARG A 435 -4.36 12.14 -1.96
CA ARG A 435 -4.02 11.89 -3.35
C ARG A 435 -2.67 12.52 -3.64
N ILE A 436 -1.82 11.79 -4.36
CA ILE A 436 -0.51 12.29 -4.76
C ILE A 436 -0.67 13.22 -5.96
N LEU A 437 -0.08 14.41 -5.88
CA LEU A 437 -0.06 15.39 -6.96
C LEU A 437 1.36 15.44 -7.54
N PHE A 438 1.49 15.35 -8.86
CA PHE A 438 2.79 15.52 -9.47
C PHE A 438 2.70 16.47 -10.65
N GLY A 439 3.86 17.02 -11.02
CA GLY A 439 3.93 18.04 -12.07
C GLY A 439 4.02 17.46 -13.47
N ASP A 440 3.52 18.22 -14.44
CA ASP A 440 3.54 17.72 -15.81
C ASP A 440 3.40 18.88 -16.77
N SER A 441 3.60 18.60 -18.06
CA SER A 441 3.20 19.52 -19.11
C SER A 441 1.70 19.35 -19.39
N CYS A 442 1.13 20.32 -20.10
CA CYS A 442 -0.29 20.20 -20.42
C CYS A 442 -0.54 19.38 -21.68
N TYR A 443 0.37 19.42 -22.66
CA TYR A 443 0.38 18.42 -23.71
C TYR A 443 1.81 18.12 -24.14
N PRO A 444 2.06 16.93 -24.70
CA PRO A 444 3.43 16.54 -25.04
C PRO A 444 3.92 17.25 -26.29
N SER A 445 5.03 17.97 -26.14
CA SER A 445 5.64 18.75 -27.20
C SER A 445 7.12 18.37 -27.29
N ASN A 446 7.78 18.84 -28.37
CA ASN A 446 9.19 18.57 -28.53
C ASN A 446 10.02 19.30 -27.48
N ASP A 447 9.53 20.45 -27.02
CA ASP A 447 10.17 21.23 -25.96
C ASP A 447 9.43 21.15 -24.63
N SER A 448 8.75 20.05 -24.37
CA SER A 448 8.02 19.90 -23.12
C SER A 448 8.64 18.78 -22.32
N ARG A 449 8.66 18.97 -21.01
CA ARG A 449 9.15 17.97 -20.09
C ARG A 449 7.98 17.28 -19.39
N GLN A 450 8.23 16.06 -18.96
CA GLN A 450 7.25 15.29 -18.23
C GLN A 450 8.02 14.44 -17.21
N MET A 451 7.29 13.97 -16.20
CA MET A 451 7.89 13.00 -15.30
C MET A 451 8.03 11.66 -16.00
N HIS A 452 9.15 11.00 -15.77
CA HIS A 452 9.50 9.79 -16.52
C HIS A 452 8.39 8.75 -16.35
N GLN A 453 8.05 8.06 -17.43
CA GLN A 453 6.87 7.21 -17.38
C GLN A 453 6.97 6.17 -16.26
N ALA A 454 8.18 5.67 -16.03
CA ALA A 454 8.40 4.59 -15.07
C ALA A 454 8.08 5.03 -13.65
N LEU A 455 8.31 6.32 -13.35
CA LEU A 455 7.95 6.91 -12.06
C LEU A 455 6.45 7.10 -11.95
N GLN A 456 5.83 7.78 -12.93
CA GLN A 456 4.39 7.93 -12.93
C GLN A 456 3.71 6.59 -12.66
N ASP A 457 4.14 5.55 -13.39
CA ASP A 457 3.45 4.27 -13.26
C ASP A 457 3.67 3.65 -11.90
N PHE A 458 4.88 3.79 -11.33
CA PHE A 458 5.15 3.22 -10.02
C PHE A 458 4.27 3.83 -8.95
N LEU A 459 4.04 5.13 -9.00
CA LEU A 459 3.13 5.74 -8.03
C LEU A 459 1.71 5.25 -8.24
N SER A 460 1.29 5.11 -9.50
CA SER A 460 -0.06 4.60 -9.77
C SER A 460 -0.20 3.16 -9.29
N ALA A 461 0.88 2.38 -9.38
CA ALA A 461 0.87 0.97 -9.00
C ALA A 461 0.59 0.74 -7.51
N GLN A 462 0.89 1.71 -6.64
CA GLN A 462 0.56 1.54 -5.23
C GLN A 462 -0.90 1.83 -4.93
N GLN A 463 -1.64 2.35 -5.89
CA GLN A 463 -3.09 2.51 -5.90
C GLN A 463 -3.70 3.40 -4.81
N VAL A 464 -3.27 3.24 -3.56
CA VAL A 464 -3.99 3.86 -2.44
C VAL A 464 -3.92 5.38 -2.44
N GLN A 465 -3.05 6.00 -3.23
CA GLN A 465 -3.05 7.46 -3.27
C GLN A 465 -3.18 8.01 -4.69
N ALA A 466 -4.05 7.39 -5.50
CA ALA A 466 -4.45 7.74 -6.87
C ALA A 466 -3.90 9.05 -7.37
N PRO A 467 -2.72 9.03 -8.01
CA PRO A 467 -2.05 10.26 -8.43
C PRO A 467 -2.91 11.14 -9.35
N VAL A 468 -2.55 12.43 -9.37
CA VAL A 468 -3.24 13.48 -10.10
C VAL A 468 -2.19 14.26 -10.86
N LYS A 469 -2.41 14.45 -12.16
CA LYS A 469 -1.40 15.07 -13.02
C LYS A 469 -1.73 16.55 -13.11
N LEU A 470 -0.82 17.41 -12.61
CA LEU A 470 -0.99 18.85 -12.66
C LEU A 470 -0.09 19.45 -13.74
N TYR A 471 -0.17 20.78 -13.87
CA TYR A 471 0.59 21.56 -14.86
C TYR A 471 1.70 22.34 -14.14
N SER A 472 2.94 21.86 -14.23
CA SER A 472 4.08 22.56 -13.65
C SER A 472 5.18 22.90 -14.65
N ASP A 473 5.07 22.48 -15.91
CA ASP A 473 6.15 22.68 -16.87
C ASP A 473 6.43 24.15 -17.11
N TRP A 474 5.47 25.01 -16.81
CA TRP A 474 5.67 26.45 -16.96
C TRP A 474 6.78 26.97 -16.04
N LEU A 475 7.16 26.22 -15.01
CA LEU A 475 8.19 26.69 -14.08
C LEU A 475 9.58 26.33 -14.58
N SER A 476 10.57 27.15 -14.22
CA SER A 476 11.92 26.91 -14.71
C SER A 476 12.42 25.54 -14.27
N VAL A 477 12.31 25.23 -12.98
CA VAL A 477 12.67 23.92 -12.45
C VAL A 477 11.56 22.89 -12.64
N GLY A 478 10.30 23.28 -12.49
CA GLY A 478 9.20 22.41 -12.88
C GLY A 478 8.46 21.67 -11.78
N HIS A 479 8.52 22.13 -10.54
CA HIS A 479 8.00 21.37 -9.42
C HIS A 479 6.71 21.97 -8.87
N VAL A 480 5.70 21.12 -8.66
CA VAL A 480 4.45 21.58 -8.09
C VAL A 480 4.66 22.26 -6.75
N ASP A 481 5.68 21.84 -5.98
CA ASP A 481 5.75 22.39 -4.61
C ASP A 481 6.13 23.85 -4.60
N GLU A 482 6.32 24.45 -5.77
CA GLU A 482 6.68 25.85 -5.88
C GLU A 482 5.48 26.79 -5.87
N PHE A 483 4.30 26.29 -6.22
CA PHE A 483 3.10 27.12 -6.20
C PHE A 483 1.98 26.47 -5.39
N LEU A 484 2.30 25.46 -4.59
CA LEU A 484 1.27 24.64 -3.96
C LEU A 484 1.70 24.21 -2.55
N SER A 485 0.74 24.15 -1.62
CA SER A 485 1.02 23.66 -0.27
C SER A 485 -0.27 23.50 0.51
N PHE A 486 -0.24 22.63 1.51
CA PHE A 486 -1.38 22.48 2.40
C PHE A 486 -0.99 22.81 3.83
N VAL A 487 -1.97 23.33 4.58
CA VAL A 487 -1.80 23.62 6.01
C VAL A 487 -3.02 23.14 6.78
N PRO A 488 -2.85 22.70 8.01
CA PRO A 488 -3.98 22.24 8.82
C PRO A 488 -4.91 23.37 9.16
N ALA A 489 -6.18 23.04 9.23
CA ALA A 489 -7.18 24.02 9.59
C ALA A 489 -8.18 23.35 10.51
N PRO A 490 -8.77 24.09 11.44
CA PRO A 490 -9.73 23.50 12.39
C PRO A 490 -11.19 23.55 11.95
N ASP A 491 -11.49 23.85 10.69
CA ASP A 491 -12.88 23.93 10.24
C ASP A 491 -12.96 23.34 8.84
N ARG A 492 -14.16 23.41 8.25
CA ARG A 492 -14.43 22.87 6.92
C ARG A 492 -13.82 21.48 6.81
N LYS A 493 -13.15 21.18 5.69
CA LYS A 493 -12.56 19.85 5.55
C LYS A 493 -11.30 19.68 6.38
N GLY A 494 -11.01 20.57 7.32
CA GLY A 494 -9.88 20.33 8.20
C GLY A 494 -8.54 20.78 7.66
N PHE A 495 -8.50 21.53 6.58
CA PHE A 495 -7.22 21.92 6.00
C PHE A 495 -7.43 23.09 5.08
N ARG A 496 -6.35 23.51 4.43
CA ARG A 496 -6.49 24.61 3.51
C ARG A 496 -5.47 24.42 2.40
N LEU A 497 -5.87 24.76 1.18
CA LEU A 497 -4.96 24.79 0.06
C LEU A 497 -4.32 26.17 -0.01
N LEU A 498 -3.01 26.20 -0.20
CA LEU A 498 -2.29 27.45 -0.41
C LEU A 498 -1.81 27.49 -1.86
N LEU A 499 -2.14 28.56 -2.57
CA LEU A 499 -1.66 28.78 -3.91
C LEU A 499 -0.93 30.11 -3.98
N ALA A 500 0.24 30.13 -4.61
CA ALA A 500 0.87 31.40 -4.90
C ALA A 500 -0.05 32.24 -5.79
N SER A 501 0.01 33.55 -5.63
CA SER A 501 -0.94 34.44 -6.28
C SER A 501 -0.26 35.76 -6.63
N PRO A 502 0.12 35.96 -7.89
CA PRO A 502 0.58 37.30 -8.28
C PRO A 502 -0.47 38.36 -8.10
N ARG A 503 -1.75 38.02 -8.33
CA ARG A 503 -2.83 38.99 -8.14
C ARG A 503 -2.83 39.52 -6.70
N SER A 504 -2.70 38.62 -5.71
CA SER A 504 -2.75 39.02 -4.29
C SER A 504 -1.58 39.90 -3.90
N CYS A 505 -0.43 39.68 -4.52
CA CYS A 505 0.74 40.53 -4.33
C CYS A 505 0.52 41.90 -4.96
N TYR A 506 0.01 41.95 -6.19
CA TYR A 506 -0.21 43.23 -6.84
C TYR A 506 -1.26 44.05 -6.11
N LYS A 507 -2.36 43.42 -5.68
CA LYS A 507 -3.37 44.11 -4.88
C LYS A 507 -2.76 44.73 -3.63
N LEU A 508 -1.84 44.00 -2.96
CA LEU A 508 -1.21 44.54 -1.76
C LEU A 508 -0.26 45.68 -2.08
N PHE A 509 0.56 45.53 -3.11
CA PHE A 509 1.52 46.58 -3.44
C PHE A 509 0.84 47.86 -3.90
N GLN A 510 -0.29 47.74 -4.59
CA GLN A 510 -1.05 48.92 -4.98
C GLN A 510 -1.67 49.61 -3.77
N GLU A 511 -2.18 48.83 -2.82
CA GLU A 511 -2.69 49.44 -1.60
C GLU A 511 -1.59 50.21 -0.87
N GLN A 512 -0.36 49.71 -0.92
CA GLN A 512 0.75 50.44 -0.31
C GLN A 512 1.12 51.69 -1.09
N GLN A 513 0.98 51.67 -2.42
CA GLN A 513 1.21 52.88 -3.19
C GLN A 513 0.07 53.87 -3.04
N ASN A 514 -1.16 53.39 -2.86
CA ASN A 514 -2.28 54.28 -2.63
C ASN A 514 -2.17 55.04 -1.33
N GLU A 515 -1.21 54.72 -0.49
CA GLU A 515 -0.98 55.42 0.77
C GLU A 515 0.27 56.29 0.74
N GLY A 516 1.01 56.30 -0.36
CA GLY A 516 2.21 57.11 -0.46
C GLY A 516 3.49 56.39 -0.13
N HIS A 517 3.46 55.05 -0.04
CA HIS A 517 4.65 54.28 0.31
C HIS A 517 5.33 53.67 -0.91
N GLY A 518 5.01 54.16 -2.12
CA GLY A 518 5.67 53.66 -3.30
C GLY A 518 7.18 53.77 -3.27
N GLU A 519 7.71 54.57 -2.36
CA GLU A 519 9.15 54.63 -2.23
C GLU A 519 9.71 53.46 -1.43
N ALA A 520 8.87 52.59 -0.89
CA ALA A 520 9.40 51.49 -0.10
C ALA A 520 10.14 50.53 -1.01
N LEU A 521 11.16 49.90 -0.44
CA LEU A 521 12.09 49.08 -1.22
C LEU A 521 11.91 47.61 -0.91
N LEU A 522 11.81 46.80 -1.95
CA LEU A 522 11.93 45.36 -1.83
C LEU A 522 13.42 44.96 -1.88
N PHE A 523 13.70 43.73 -1.46
CA PHE A 523 15.06 43.16 -1.41
C PHE A 523 15.93 43.87 -0.38
N GLU A 524 15.30 44.46 0.64
CA GLU A 524 16.06 45.13 1.68
C GLU A 524 16.72 44.08 2.59
N GLY A 525 18.01 44.27 2.83
CA GLY A 525 18.81 43.32 3.57
C GLY A 525 19.70 42.44 2.73
N ILE A 526 19.98 42.81 1.48
CA ILE A 526 20.62 41.94 0.49
C ILE A 526 21.30 42.80 -0.57
N LYS A 527 22.43 42.33 -1.08
CA LYS A 527 23.01 42.96 -2.27
C LYS A 527 22.44 42.37 -3.59
N LYS A 530 20.80 43.80 -6.22
CA LYS A 530 20.39 45.17 -5.97
C LYS A 530 18.89 45.27 -5.69
N GLN A 531 18.50 46.22 -4.84
CA GLN A 531 17.15 46.37 -4.34
C GLN A 531 16.23 47.02 -5.37
N GLN A 532 14.94 47.13 -5.04
CA GLN A 532 13.97 47.77 -5.91
C GLN A 532 12.84 48.42 -5.10
N LYS A 533 12.24 49.47 -5.66
CA LYS A 533 11.17 50.21 -5.01
C LYS A 533 9.80 49.72 -5.48
N ILE A 534 8.78 49.91 -4.62
CA ILE A 534 7.42 49.53 -4.99
C ILE A 534 6.96 50.29 -6.22
N LYS A 535 7.39 51.54 -6.36
CA LYS A 535 6.98 52.34 -7.51
C LYS A 535 7.43 51.70 -8.81
N ASN A 536 8.71 51.32 -8.89
CA ASN A 536 9.24 50.73 -10.11
C ASN A 536 8.73 49.32 -10.32
N ILE A 537 8.44 48.60 -9.24
CA ILE A 537 7.85 47.28 -9.36
C ILE A 537 6.44 47.38 -9.91
N LEU A 538 5.60 48.20 -9.28
CA LEU A 538 4.19 48.31 -9.67
C LEU A 538 4.01 48.84 -11.10
N SER A 539 4.97 49.61 -11.61
CA SER A 539 4.79 50.22 -12.92
C SER A 539 5.49 49.46 -14.04
N ASN A 540 6.29 48.44 -13.73
CA ASN A 540 6.96 47.66 -14.76
C ASN A 540 5.89 46.91 -15.55
N LYS A 541 5.63 47.37 -16.77
CA LYS A 541 4.66 46.71 -17.62
C LYS A 541 5.19 45.40 -18.22
N THR A 542 6.52 45.23 -18.32
CA THR A 542 7.08 43.96 -18.77
C THR A 542 6.88 42.88 -17.74
N LEU A 543 7.03 43.23 -16.48
CA LEU A 543 6.84 42.28 -15.40
C LEU A 543 5.35 41.98 -15.16
N ARG A 544 4.47 42.96 -15.35
CA ARG A 544 3.04 42.72 -15.16
C ARG A 544 2.55 41.63 -16.08
N GLU A 545 2.98 41.64 -17.34
CA GLU A 545 2.50 40.62 -18.27
C GLU A 545 3.10 39.26 -17.94
N HIS A 546 4.34 39.23 -17.44
CA HIS A 546 4.90 37.99 -16.93
C HIS A 546 4.00 37.42 -15.85
N ASN A 547 3.70 38.21 -14.83
CA ASN A 547 2.85 37.68 -13.77
C ASN A 547 1.42 37.47 -14.25
N SER A 548 0.96 38.14 -15.30
CA SER A 548 -0.38 37.85 -15.81
C SER A 548 -0.41 36.49 -16.48
N PHE A 549 0.67 36.14 -17.18
CA PHE A 549 0.78 34.81 -17.77
C PHE A 549 0.92 33.75 -16.69
N VAL A 550 1.79 34.00 -15.70
CA VAL A 550 1.92 33.06 -14.60
C VAL A 550 0.58 32.86 -13.92
N GLU A 551 -0.10 33.97 -13.60
CA GLU A 551 -1.41 33.87 -12.99
C GLU A 551 -2.32 32.95 -13.77
N ARG A 552 -2.20 32.93 -15.10
CA ARG A 552 -3.02 31.98 -15.85
C ARG A 552 -2.60 30.56 -15.55
N CYS A 553 -1.28 30.30 -15.49
CA CYS A 553 -0.83 28.92 -15.28
C CYS A 553 -1.35 28.37 -13.97
N ILE A 554 -1.14 29.11 -12.87
CA ILE A 554 -1.58 28.66 -11.56
C ILE A 554 -3.09 28.48 -11.53
N ASP A 555 -3.83 29.38 -12.20
CA ASP A 555 -5.29 29.26 -12.29
C ASP A 555 -5.71 27.96 -12.95
N TRP A 556 -5.02 27.54 -14.03
CA TRP A 556 -5.33 26.24 -14.62
C TRP A 556 -5.29 25.15 -13.57
N ASN A 557 -4.16 25.04 -12.85
CA ASN A 557 -4.02 24.04 -11.80
C ASN A 557 -5.07 24.20 -10.73
N ARG A 558 -5.50 25.43 -10.47
CA ARG A 558 -6.57 25.64 -9.50
C ARG A 558 -7.87 24.97 -9.94
N GLU A 559 -8.28 25.13 -11.20
CA GLU A 559 -9.48 24.43 -11.60
C GLU A 559 -9.24 22.92 -11.56
N LEU A 560 -8.01 22.47 -11.83
CA LEU A 560 -7.74 21.02 -11.76
C LEU A 560 -7.82 20.51 -10.33
N LEU A 561 -7.23 21.24 -9.39
CA LEU A 561 -7.28 20.77 -8.02
C LEU A 561 -8.70 20.84 -7.46
N LYS A 562 -9.49 21.83 -7.88
CA LYS A 562 -10.87 21.86 -7.43
C LYS A 562 -11.63 20.63 -7.91
N ARG A 563 -11.28 20.10 -9.08
CA ARG A 563 -12.01 18.97 -9.66
C ARG A 563 -11.56 17.63 -9.09
N GLU A 564 -10.24 17.40 -8.95
CA GLU A 564 -9.78 16.08 -8.57
C GLU A 564 -9.70 15.88 -7.06
N LEU A 565 -9.64 16.97 -6.30
CA LEU A 565 -9.74 16.96 -4.85
C LEU A 565 -11.08 17.46 -4.37
N GLY A 566 -11.97 17.87 -5.26
CA GLY A 566 -13.29 18.31 -4.86
C GLY A 566 -13.26 19.42 -3.83
N LEU A 567 -12.66 20.55 -4.19
CA LEU A 567 -12.57 21.68 -3.28
C LEU A 567 -13.59 22.75 -3.65
N ALA A 568 -13.99 23.50 -2.64
CA ALA A 568 -14.72 24.74 -2.81
C ALA A 568 -13.74 25.88 -2.68
N GLU A 569 -14.17 27.07 -3.11
CA GLU A 569 -13.24 28.19 -3.03
C GLU A 569 -12.83 28.43 -1.57
N SER A 570 -13.76 28.27 -0.64
CA SER A 570 -13.52 28.50 0.78
C SER A 570 -12.44 27.59 1.37
N ASP A 571 -11.89 26.71 0.54
CA ASP A 571 -10.81 25.82 0.94
C ASP A 571 -9.46 26.26 0.38
N ILE A 572 -9.40 27.39 -0.32
CA ILE A 572 -8.20 27.82 -1.01
C ILE A 572 -7.81 29.19 -0.50
N ILE A 573 -6.52 29.34 -0.21
CA ILE A 573 -5.98 30.59 0.29
C ILE A 573 -4.84 31.01 -0.63
N ASP A 574 -4.85 32.26 -1.06
CA ASP A 574 -3.86 32.78 -2.00
C ASP A 574 -2.76 33.50 -1.25
N ILE A 575 -1.54 32.96 -1.30
CA ILE A 575 -0.38 33.60 -0.71
C ILE A 575 0.19 34.56 -1.75
N PRO A 576 0.34 35.85 -1.44
CA PRO A 576 0.92 36.77 -2.43
C PRO A 576 2.32 36.36 -2.82
N GLN A 577 2.53 36.15 -4.12
CA GLN A 577 3.84 35.76 -4.63
C GLN A 577 4.06 36.28 -6.05
N LEU A 578 5.22 36.92 -6.25
CA LEU A 578 5.61 37.48 -7.54
C LEU A 578 6.56 36.53 -8.26
N PHE A 579 6.49 36.54 -9.58
CA PHE A 579 7.34 35.67 -10.37
C PHE A 579 8.07 36.47 -11.42
N LYS A 580 9.07 35.83 -12.04
CA LYS A 580 9.80 36.40 -13.16
C LYS A 580 10.16 35.28 -14.11
N LEU A 581 10.20 35.59 -15.40
CA LEU A 581 10.53 34.62 -16.42
C LEU A 581 12.05 34.56 -16.62
N LYS A 582 12.56 33.37 -16.91
CA LYS A 582 13.99 33.28 -17.13
C LYS A 582 14.28 32.67 -18.49
N GLU A 583 15.16 31.67 -18.51
CA GLU A 583 15.52 31.02 -19.76
C GLU A 583 14.31 30.28 -20.34
N PHE A 584 13.99 30.57 -21.60
CA PHE A 584 12.85 29.95 -22.31
C PHE A 584 11.51 30.34 -21.69
N SER A 585 11.39 31.60 -21.27
CA SER A 585 10.14 32.13 -20.71
C SER A 585 9.62 31.25 -19.58
N LYS A 586 10.52 30.56 -18.87
CA LYS A 586 10.13 29.72 -17.75
C LYS A 586 10.12 30.55 -16.48
N ALA A 587 9.25 30.18 -15.55
CA ALA A 587 8.95 31.01 -14.40
C ALA A 587 9.91 30.72 -13.26
N GLU A 588 9.90 31.60 -12.26
CA GLU A 588 10.84 31.53 -11.14
C GLU A 588 10.39 32.52 -10.09
N ALA A 589 10.64 32.18 -8.83
CA ALA A 589 10.25 33.07 -7.75
C ALA A 589 10.97 34.41 -7.89
N PHE A 590 10.19 35.49 -7.76
CA PHE A 590 10.80 36.81 -7.77
C PHE A 590 11.48 37.09 -6.45
N PHE A 591 10.76 36.92 -5.36
CA PHE A 591 11.32 36.92 -4.01
C PHE A 591 11.09 35.55 -3.38
N PRO A 592 11.78 35.22 -2.27
CA PRO A 592 11.70 33.86 -1.73
C PRO A 592 10.28 33.28 -1.69
N ASN A 593 10.16 32.03 -2.09
CA ASN A 593 8.86 31.46 -2.45
C ASN A 593 8.11 31.05 -1.19
N MET A 594 7.24 31.92 -0.69
CA MET A 594 6.63 31.68 0.61
C MET A 594 5.56 30.59 0.63
N VAL A 595 5.03 30.15 -0.51
CA VAL A 595 4.07 29.05 -0.41
C VAL A 595 4.76 27.75 -0.07
N ASN A 596 6.06 27.66 -0.28
CA ASN A 596 6.80 26.42 -0.06
C ASN A 596 7.35 26.40 1.37
N MET A 597 6.44 26.49 2.34
CA MET A 597 6.83 26.68 3.73
C MET A 597 7.03 25.33 4.42
N LEU A 598 7.37 25.39 5.68
CA LEU A 598 7.66 24.21 6.49
C LEU A 598 6.52 24.05 7.50
N VAL A 599 5.58 23.16 7.20
CA VAL A 599 4.38 22.95 8.01
C VAL A 599 4.68 21.93 9.10
N LEU A 600 4.68 22.36 10.35
CA LEU A 600 4.90 21.46 11.50
C LEU A 600 3.74 21.60 12.47
N GLY A 601 2.59 21.05 12.12
CA GLY A 601 1.42 21.18 12.98
C GLY A 601 0.85 22.57 12.84
N LYS A 602 0.62 23.26 13.95
CA LYS A 602 0.11 24.62 13.91
C LYS A 602 1.21 25.66 13.76
N HIS A 603 2.46 25.26 13.49
CA HIS A 603 3.59 26.19 13.45
C HIS A 603 4.19 26.19 12.07
N LEU A 604 4.21 27.35 11.42
CA LEU A 604 4.67 27.45 10.04
C LEU A 604 6.04 28.09 10.02
N GLY A 605 6.96 27.47 9.31
CA GLY A 605 8.22 28.12 9.03
C GLY A 605 8.18 28.65 7.62
N ILE A 606 8.09 29.97 7.46
CA ILE A 606 7.88 30.57 6.14
C ILE A 606 9.19 31.19 5.68
N PRO A 607 9.54 31.10 4.40
CA PRO A 607 10.71 31.81 3.91
C PRO A 607 10.53 33.31 4.09
N LYS A 608 11.56 33.98 4.60
CA LYS A 608 11.45 35.41 4.82
C LYS A 608 11.37 36.08 3.46
N PRO A 609 10.32 36.85 3.17
CA PRO A 609 10.20 37.43 1.82
C PRO A 609 11.09 38.62 1.58
N PHE A 610 11.59 39.30 2.63
CA PHE A 610 12.37 40.53 2.50
C PHE A 610 11.60 41.57 1.68
N GLY A 611 10.31 41.69 1.97
CA GLY A 611 9.50 42.66 1.28
C GLY A 611 9.74 44.07 1.75
N PRO A 612 9.01 45.00 1.12
CA PRO A 612 9.15 46.40 1.52
C PRO A 612 8.65 46.60 2.94
N VAL A 613 9.42 47.34 3.71
CA VAL A 613 9.19 47.52 5.14
C VAL A 613 8.42 48.82 5.32
N ILE A 614 7.15 48.70 5.71
CA ILE A 614 6.29 49.84 6.01
C ILE A 614 5.90 49.73 7.48
N ASN A 615 6.10 50.81 8.26
CA ASN A 615 5.89 50.72 9.69
C ASN A 615 6.74 49.58 10.24
N GLY A 616 8.07 49.75 10.12
CA GLY A 616 9.07 48.78 10.53
C GLY A 616 8.82 47.29 10.38
N ARG A 617 7.65 46.88 9.84
CA ARG A 617 7.33 45.47 9.62
C ARG A 617 7.07 45.21 8.14
N CYS A 618 7.65 44.11 7.65
CA CYS A 618 7.47 43.72 6.25
C CYS A 618 5.99 43.65 5.92
N CYS A 619 5.59 44.33 4.85
CA CYS A 619 4.18 44.34 4.52
C CYS A 619 3.73 43.02 3.87
N LEU A 620 4.67 42.21 3.37
CA LEU A 620 4.31 40.88 2.88
C LEU A 620 4.07 39.92 4.03
N GLU A 621 4.92 39.96 5.06
CA GLU A 621 4.67 39.16 6.24
C GLU A 621 3.36 39.55 6.89
N GLU A 622 2.99 40.82 6.81
CA GLU A 622 1.72 41.24 7.39
C GLU A 622 0.54 40.56 6.72
N LYS A 623 0.58 40.43 5.39
CA LYS A 623 -0.55 39.84 4.66
C LYS A 623 -0.69 38.37 5.01
N VAL A 624 0.42 37.65 4.98
CA VAL A 624 0.41 36.22 5.20
C VAL A 624 -0.02 35.89 6.63
N CYS A 625 0.34 36.74 7.59
CA CYS A 625 -0.19 36.54 8.94
C CYS A 625 -1.70 36.77 8.97
N SER A 626 -2.17 37.81 8.28
CA SER A 626 -3.59 38.10 8.22
C SER A 626 -4.37 36.98 7.56
N LEU A 627 -3.70 36.13 6.79
CA LEU A 627 -4.35 35.00 6.14
C LEU A 627 -4.27 33.73 6.98
N LEU A 628 -3.12 33.45 7.56
CA LEU A 628 -2.91 32.18 8.24
C LEU A 628 -3.22 32.25 9.72
N GLU A 629 -2.81 33.31 10.41
CA GLU A 629 -3.07 33.41 11.85
C GLU A 629 -4.52 33.15 12.25
N PRO A 630 -5.54 33.58 11.49
CA PRO A 630 -6.92 33.22 11.87
C PRO A 630 -7.22 31.73 11.84
N LEU A 631 -6.47 30.92 11.09
CA LEU A 631 -6.59 29.47 11.17
C LEU A 631 -6.03 28.89 12.46
N GLY A 632 -5.33 29.69 13.27
CA GLY A 632 -4.67 29.21 14.47
C GLY A 632 -3.21 28.88 14.27
N LEU A 633 -2.62 29.29 13.16
CA LEU A 633 -1.25 28.93 12.79
C LEU A 633 -0.28 30.03 13.19
N GLN A 634 0.87 29.62 13.74
CA GLN A 634 1.92 30.50 14.24
C GLN A 634 2.96 30.68 13.15
N CYS A 635 3.02 31.90 12.58
CA CYS A 635 3.94 32.20 11.50
C CYS A 635 5.29 32.65 12.03
N THR A 636 6.35 31.98 11.57
CA THR A 636 7.74 32.25 11.93
C THR A 636 8.51 32.34 10.62
N PHE A 637 9.03 33.51 10.29
CA PHE A 637 9.67 33.71 9.00
C PHE A 637 11.16 33.42 9.13
N ILE A 638 11.65 32.47 8.36
CA ILE A 638 13.05 32.04 8.43
C ILE A 638 13.86 32.81 7.40
N ASN A 639 14.97 33.38 7.84
CA ASN A 639 15.76 34.26 6.98
C ASN A 639 16.34 33.47 5.81
N ASP A 640 17.19 32.48 6.09
CA ASP A 640 17.90 31.81 5.02
C ASP A 640 17.26 30.44 4.76
N PHE A 641 16.00 30.52 4.30
CA PHE A 641 15.23 29.31 4.05
C PHE A 641 15.73 28.58 2.82
N PHE A 642 16.18 29.33 1.82
CA PHE A 642 16.72 28.77 0.60
C PHE A 642 18.15 29.25 0.38
N THR A 643 18.94 28.40 -0.28
CA THR A 643 20.36 28.61 -0.51
C THR A 643 20.66 28.39 -1.98
N TYR A 644 21.48 29.27 -2.55
CA TYR A 644 21.84 29.23 -3.97
C TYR A 644 23.21 28.58 -4.12
N HIS A 645 23.28 27.54 -4.94
CA HIS A 645 24.55 26.86 -5.26
C HIS A 645 25.06 27.44 -6.58
N ILE A 646 25.97 28.41 -6.48
CA ILE A 646 26.54 29.11 -7.62
C ILE A 646 27.28 28.14 -8.52
N GLU A 650 21.99 26.39 -8.20
CA GLU A 650 20.65 25.85 -8.03
C GLU A 650 20.08 26.17 -6.64
N VAL A 651 18.76 26.23 -6.53
CA VAL A 651 18.10 26.64 -5.30
C VAL A 651 17.75 25.39 -4.48
N HIS A 652 18.14 25.40 -3.20
CA HIS A 652 18.00 24.24 -2.30
C HIS A 652 17.42 24.68 -0.95
N CYS A 653 16.91 23.70 -0.19
CA CYS A 653 16.53 23.87 1.21
C CYS A 653 16.83 22.55 1.91
N GLY A 654 17.45 22.63 3.08
CA GLY A 654 17.98 21.42 3.70
C GLY A 654 17.08 20.75 4.72
N THR A 655 15.79 20.64 4.44
CA THR A 655 14.82 20.23 5.44
C THR A 655 13.92 19.14 4.89
N ASN A 656 13.80 18.04 5.64
CA ASN A 656 12.74 17.06 5.45
C ASN A 656 11.98 16.93 6.76
N VAL A 657 10.87 16.20 6.71
CA VAL A 657 10.02 15.98 7.87
C VAL A 657 9.42 14.60 7.78
N ARG A 658 9.73 13.73 8.74
CA ARG A 658 8.99 12.49 8.93
C ARG A 658 7.71 12.81 9.69
N ARG A 659 6.59 12.25 9.24
CA ARG A 659 5.29 12.54 9.85
C ARG A 659 4.59 11.24 10.21
N LYS A 660 3.66 11.34 11.18
CA LYS A 660 2.97 10.14 11.64
C LYS A 660 2.17 9.56 10.48
N PRO A 661 2.24 8.26 10.26
CA PRO A 661 1.45 7.65 9.20
C PRO A 661 -0.03 7.76 9.53
N PHE A 662 -0.83 7.62 8.47
CA PHE A 662 -2.27 7.68 8.60
C PHE A 662 -2.77 6.61 9.55
N SER A 663 -3.68 7.02 10.44
CA SER A 663 -4.33 6.03 11.29
C SER A 663 -5.16 5.08 10.45
N PHE A 664 -5.74 5.58 9.35
CA PHE A 664 -6.51 4.74 8.44
C PHE A 664 -5.62 3.67 7.81
N LYS A 665 -6.06 2.41 7.87
CA LYS A 665 -5.28 1.29 7.37
C LYS A 665 -5.50 1.14 5.86
N TRP A 666 -4.42 1.18 5.09
CA TRP A 666 -4.58 1.32 3.65
C TRP A 666 -5.42 0.19 3.07
N TRP A 667 -5.44 -0.97 3.72
CA TRP A 667 -6.18 -2.08 3.13
C TRP A 667 -7.69 -1.93 3.23
N ASN A 668 -8.21 -1.03 4.09
CA ASN A 668 -9.67 -0.80 4.12
C ASN A 668 -10.12 0.16 3.04
N MET A 669 -9.19 0.67 2.25
CA MET A 669 -9.61 1.45 1.11
C MET A 669 -10.14 0.53 0.02
N VAL A 670 -11.00 1.07 -0.84
CA VAL A 670 -11.31 0.39 -2.09
C VAL A 670 -10.98 1.33 -3.23
N PRO A 671 -9.73 1.33 -3.74
CA PRO A 671 -9.28 2.14 -4.87
C PRO A 671 -10.28 2.09 -6.02
C33 A1A9P B . 12.83 6.34 -5.59
C7 A1A9P B . 11.12 2.57 -8.64
C6 A1A9P B . 11.39 3.72 -7.85
C9 A1A9P B . 9.97 3.89 -10.09
C13 A1A9P B . 11.71 -0.13 -6.37
C21 A1A9P B . 14.19 -2.58 -4.22
C18 A1A9P B . 11.93 -2.90 -5.28
C16 A1A9P B . 11.33 0.23 -9.18
C26 A1A9P B . 10.85 7.31 -7.67
C1 A1A9P B . 13.11 3.22 -5.89
C12 A1A9P B . 10.87 0.99 -6.97
C14 A1A9P B . 11.64 -1.37 -7.25
C15 A1A9P B . 12.07 -1.01 -8.68
C17 A1A9P B . 12.47 -2.51 -6.64
C2 A1A9P B . 12.21 4.10 -6.70
C22 A1A9P B . 14.60 -2.76 -2.77
C23 A1A9P B . 13.55 -3.63 -2.16
C24 A1A9P B . 12.28 -3.21 -2.87
C27 A1A9P B . 11.79 8.31 -7.87
C28 A1A9P B . 11.40 9.63 -7.97
C29 A1A9P B . 10.04 9.94 -7.86
C3 A1A9P B . 12.11 5.45 -6.54
C30 A1A9P B . 9.10 8.95 -7.66
C31 A1A9P B . 9.51 7.63 -7.56
C5 A1A9P B . 10.83 4.90 -8.32
N10 A1A9P B . 10.08 5.03 -9.40
N11 A1A9P B . 11.48 1.34 -8.25
N20 A1A9P B . 12.76 -2.89 -4.22
N25 A1A9P B . 12.44 -3.74 -7.49
N4 A1A9P B . 11.26 5.94 -7.52
N8 A1A9P B . 10.44 2.67 -9.79
O19 A1A9P B . 10.76 -3.17 -5.16
BR32 A1A9P B . 9.46 11.75 -8.05
C14 3YZ C . 15.68 37.73 -3.60
C13 3YZ C . 14.73 37.10 -4.38
C11 3YZ C . 13.80 34.68 -4.91
C6 3YZ C . 12.19 29.05 -4.09
C4 3YZ C . 12.64 28.01 -6.22
C15 3YZ C . 16.48 36.97 -2.76
C12 3YZ C . 14.58 35.71 -4.28
C5 3YZ C . 12.09 27.95 -4.94
C7 3YZ C . 12.83 30.21 -4.55
C25 3YZ C . 13.38 30.25 -5.83
C3 3YZ C . 13.28 29.14 -6.67
C10 3YZ C . 14.20 33.48 -4.38
C17 3YZ C . 15.49 35.05 -3.43
C9 3YZ C . 13.71 32.15 -4.73
C26 3YZ C . 11.45 26.71 -4.39
C21 3YZ C . 17.58 32.21 -4.44
C22 3YZ C . 17.71 30.96 -3.65
C30 3YZ C . 13.94 24.71 -5.89
C29 3YZ C . 13.62 25.49 -4.63
C35 3YZ C . 11.58 24.22 -4.27
C20 3YZ C . 17.27 32.21 -2.99
C33 3YZ C . 11.85 23.39 -5.52
C31 3YZ C . 13.34 23.32 -5.84
C24 3YZ C . 14.69 32.09 -7.08
C1 3YZ C . 13.67 28.19 -8.83
C19 3YZ C . 15.89 32.66 -2.64
N16 3YZ C . 16.40 35.64 -2.65
N8 3YZ C . 13.05 31.41 -3.87
N23 3YZ C . 13.96 31.53 -5.93
N18 3YZ C . 15.22 33.67 -3.46
N28 3YZ C . 12.17 25.55 -4.42
N34 3YZ C . 11.30 22.00 -5.35
O27 3YZ C . 10.34 26.77 -3.90
O32 3YZ C . 14.01 22.54 -4.85
O2 3YZ C . 13.80 29.29 -7.93
#